data_4IJ6
#
_entry.id   4IJ6
#
_cell.length_a   49.330
_cell.length_b   68.920
_cell.length_c   123.550
_cell.angle_alpha   90.000
_cell.angle_beta   90.000
_cell.angle_gamma   90.000
#
_symmetry.space_group_name_H-M   'P 21 21 21'
#
loop_
_entity.id
_entity.type
_entity.pdbx_description
1 polymer 'Phosphoserine phosphatase 1'
2 non-polymer PHOSPHOSERINE
3 non-polymer 'CHLORIDE ION'
4 non-polymer 1,2-ETHANEDIOL
5 water water
#
_entity_poly.entity_id   1
_entity_poly.type   'polypeptide(L)'
_entity_poly.pdbx_seq_one_letter_code
;MVKLILVRAAESEWNPVGRYQGLLDPDLSERGKKQAKLLAQELSREHLDVIYSSPLKRTYLTALEIAEAKNLEVIKEDRI
IEIDHGMWSGMLVEEVMEKYPEDFRRWVEEPHKVEFQGGESLASVYNRVKGFLEEVRKRHWNQTVVVVSHTVPMRAMYCA
LLGVDLSKFWSFGCDNASYSVIHMEERRNVILKLNITCHLGEFYVEAHKAI
;
_entity_poly.pdbx_strand_id   A,B
#
# COMPACT_ATOMS: atom_id res chain seq x y z
N MET A 1 15.58 12.12 -1.14
CA MET A 1 14.15 11.87 -1.51
C MET A 1 13.22 12.66 -0.60
N VAL A 2 11.94 12.71 -0.95
CA VAL A 2 10.94 13.25 -0.04
C VAL A 2 10.29 12.09 0.70
N LYS A 3 10.25 12.16 2.03
CA LYS A 3 9.41 11.25 2.81
C LYS A 3 8.03 11.88 2.91
N LEU A 4 7.11 11.36 2.10
CA LEU A 4 5.76 11.89 1.99
C LEU A 4 4.83 11.00 2.80
N ILE A 5 4.24 11.56 3.85
CA ILE A 5 3.32 10.85 4.72
C ILE A 5 1.91 11.33 4.42
N LEU A 6 1.12 10.50 3.75
CA LEU A 6 -0.22 10.85 3.31
C LEU A 6 -1.23 10.34 4.33
N VAL A 7 -1.96 11.27 4.92
CA VAL A 7 -2.86 11.00 6.04
C VAL A 7 -4.29 11.32 5.66
N ARG A 8 -5.21 10.39 5.93
CA ARG A 8 -6.62 10.73 5.81
C ARG A 8 -7.13 11.27 7.13
N ALA A 9 -7.97 12.29 7.05
CA ALA A 9 -8.69 12.80 8.18
C ALA A 9 -9.23 11.68 9.05
N ALA A 10 -9.19 11.91 10.36
CA ALA A 10 -9.89 11.06 11.31
C ALA A 10 -11.39 11.10 11.05
N GLU A 11 -12.09 10.17 11.68
CA GLU A 11 -13.51 9.97 11.43
C GLU A 11 -14.33 11.23 11.68
N SER A 12 -15.11 11.64 10.68
CA SER A 12 -16.06 12.73 10.85
C SER A 12 -17.40 12.19 11.34
N GLU A 13 -18.31 13.08 11.71
CA GLU A 13 -19.65 12.70 12.16
C GLU A 13 -20.43 11.95 11.08
N TRP A 14 -20.07 12.21 9.82
CA TRP A 14 -20.78 11.66 8.67
C TRP A 14 -20.22 10.33 8.16
N ASN A 15 -18.98 10.02 8.50
CA ASN A 15 -18.33 8.81 8.00
C ASN A 15 -19.01 7.48 8.42
N PRO A 16 -19.33 7.32 9.72
CA PRO A 16 -19.91 6.03 10.15
C PRO A 16 -21.31 5.71 9.63
N VAL A 17 -22.05 6.71 9.15
CA VAL A 17 -23.37 6.45 8.54
C VAL A 17 -23.31 6.50 7.02
N GLY A 18 -22.17 6.88 6.46
CA GLY A 18 -21.97 6.89 5.01
C GLY A 18 -22.73 7.99 4.29
N ARG A 19 -22.72 9.19 4.85
CA ARG A 19 -23.32 10.35 4.21
C ARG A 19 -22.21 11.07 3.46
N TYR A 20 -22.39 11.27 2.17
CA TYR A 20 -21.43 12.00 1.35
C TYR A 20 -21.32 13.44 1.80
N GLN A 21 -20.09 13.87 2.09
CA GLN A 21 -19.84 15.23 2.56
C GLN A 21 -19.46 16.16 1.42
N GLY A 22 -18.44 15.78 0.66
CA GLY A 22 -17.84 16.68 -0.32
C GLY A 22 -17.28 17.91 0.38
N LEU A 23 -17.68 19.09 -0.09
CA LEU A 23 -17.27 20.36 0.51
C LEU A 23 -18.09 20.75 1.73
N LEU A 24 -19.12 19.97 2.07
CA LEU A 24 -19.80 20.15 3.35
C LEU A 24 -18.81 19.84 4.48
N ASP A 25 -19.01 20.47 5.63
CA ASP A 25 -17.93 20.59 6.61
C ASP A 25 -18.25 20.07 8.01
N PRO A 26 -18.58 18.77 8.13
CA PRO A 26 -18.85 18.28 9.49
C PRO A 26 -17.60 18.14 10.38
N ASP A 27 -17.85 18.17 11.69
CA ASP A 27 -16.83 18.03 12.72
C ASP A 27 -16.30 16.59 12.74
N LEU A 28 -15.17 16.38 13.43
CA LEU A 28 -14.73 15.04 13.78
C LEU A 28 -15.74 14.44 14.76
N SER A 29 -15.93 13.13 14.68
CA SER A 29 -16.70 12.43 15.70
C SER A 29 -15.85 12.36 16.95
N GLU A 30 -16.47 12.03 18.08
CA GLU A 30 -15.71 11.84 19.31
C GLU A 30 -14.64 10.77 19.12
N ARG A 31 -14.98 9.69 18.44
CA ARG A 31 -14.00 8.66 18.11
C ARG A 31 -12.88 9.24 17.25
N GLY A 32 -13.25 10.05 16.26
CA GLY A 32 -12.27 10.68 15.37
C GLY A 32 -11.32 11.61 16.10
N LYS A 33 -11.84 12.32 17.09
CA LYS A 33 -11.00 13.18 17.92
C LYS A 33 -9.92 12.37 18.63
N LYS A 34 -10.27 11.17 19.09
CA LYS A 34 -9.28 10.27 19.73
C LYS A 34 -8.30 9.72 18.68
N GLN A 35 -8.83 9.32 17.52
CA GLN A 35 -7.98 8.85 16.42
C GLN A 35 -6.88 9.86 16.07
N ALA A 36 -7.25 11.14 16.00
CA ALA A 36 -6.30 12.19 15.62
C ALA A 36 -5.17 12.29 16.65
N LYS A 37 -5.52 12.13 17.92
CA LYS A 37 -4.52 12.18 18.97
C LYS A 37 -3.59 10.98 18.91
N LEU A 38 -4.13 9.79 18.64
CA LEU A 38 -3.31 8.58 18.53
C LEU A 38 -2.36 8.65 17.35
N LEU A 39 -2.86 9.19 16.23
CA LEU A 39 -2.05 9.40 15.06
C LEU A 39 -0.93 10.39 15.34
N ALA A 40 -1.30 11.51 15.96
CA ALA A 40 -0.34 12.56 16.30
C ALA A 40 0.77 12.01 17.19
N GLN A 41 0.37 11.18 18.17
CA GLN A 41 1.29 10.47 19.03
C GLN A 41 2.24 9.56 18.23
N GLU A 42 1.69 8.86 17.25
CA GLU A 42 2.50 7.97 16.41
C GLU A 42 3.51 8.75 15.55
N LEU A 43 3.04 9.82 14.91
CA LEU A 43 3.91 10.64 14.04
C LEU A 43 4.87 11.53 14.82
N SER A 44 4.59 11.75 16.10
CA SER A 44 5.49 12.52 16.95
C SER A 44 6.85 11.84 17.16
N ARG A 45 6.91 10.53 16.88
CA ARG A 45 8.12 9.75 17.10
C ARG A 45 9.24 10.04 16.10
N GLU A 46 8.90 10.67 14.98
CA GLU A 46 9.90 11.04 13.98
C GLU A 46 9.91 12.53 13.67
N HIS A 47 10.97 12.96 13.00
CA HIS A 47 11.12 14.34 12.60
C HIS A 47 10.18 14.66 11.43
N LEU A 48 9.40 15.73 11.57
CA LEU A 48 8.56 16.24 10.49
C LEU A 48 9.01 17.66 10.16
N ASP A 49 8.98 18.02 8.88
CA ASP A 49 9.43 19.35 8.45
C ASP A 49 8.28 20.30 8.11
N VAL A 50 7.18 19.75 7.60
CA VAL A 50 6.07 20.57 7.13
C VAL A 50 4.78 19.74 7.11
N ILE A 51 3.67 20.41 7.39
CA ILE A 51 2.34 19.78 7.38
C ILE A 51 1.39 20.61 6.53
N TYR A 52 0.87 19.98 5.48
CA TYR A 52 -0.16 20.55 4.64
C TYR A 52 -1.50 19.91 4.98
N SER A 53 -2.57 20.71 4.95
CA SER A 53 -3.92 20.21 5.22
C SER A 53 -4.99 20.84 4.35
N SER A 54 -5.92 20.01 3.90
CA SER A 54 -7.19 20.51 3.40
C SER A 54 -7.82 21.41 4.47
N PRO A 55 -8.44 22.51 4.05
CA PRO A 55 -8.98 23.45 5.03
C PRO A 55 -10.31 23.04 5.68
N LEU A 56 -10.92 21.94 5.22
CA LEU A 56 -12.13 21.45 5.85
C LEU A 56 -11.81 20.99 7.27
N LYS A 57 -12.79 21.11 8.15
CA LYS A 57 -12.61 20.81 9.58
C LYS A 57 -12.04 19.42 9.85
N ARG A 58 -12.59 18.39 9.20
CA ARG A 58 -12.16 17.01 9.50
C ARG A 58 -10.67 16.80 9.26
N THR A 59 -10.16 17.34 8.15
CA THR A 59 -8.72 17.31 7.88
C THR A 59 -7.94 18.27 8.78
N TYR A 60 -8.41 19.51 8.87
CA TYR A 60 -7.67 20.54 9.59
C TYR A 60 -7.50 20.20 11.07
N LEU A 61 -8.55 19.69 11.69
CA LEU A 61 -8.47 19.26 13.09
C LEU A 61 -7.49 18.11 13.31
N THR A 62 -7.44 17.19 12.35
CA THR A 62 -6.49 16.08 12.39
C THR A 62 -5.06 16.62 12.25
N ALA A 63 -4.88 17.51 11.27
CA ALA A 63 -3.59 18.16 11.04
C ALA A 63 -3.11 18.96 12.25
N LEU A 64 -4.04 19.63 12.93
CA LEU A 64 -3.69 20.45 14.10
C LEU A 64 -3.04 19.62 15.21
N GLU A 65 -3.53 18.41 15.44
CA GLU A 65 -2.94 17.51 16.44
C GLU A 65 -1.52 17.12 16.07
N ILE A 66 -1.33 16.71 14.81
CA ILE A 66 -0.02 16.31 14.33
C ILE A 66 0.94 17.51 14.39
N ALA A 67 0.46 18.69 13.99
CA ALA A 67 1.28 19.90 13.97
C ALA A 67 1.71 20.34 15.35
N GLU A 68 0.77 20.34 16.28
CA GLU A 68 1.06 20.75 17.64
C GLU A 68 2.10 19.83 18.29
N ALA A 69 1.98 18.54 18.03
CA ALA A 69 2.92 17.54 18.58
C ALA A 69 4.37 17.74 18.10
N LYS A 70 4.55 18.48 17.01
CA LYS A 70 5.86 18.67 16.39
C LYS A 70 6.32 20.12 16.34
N ASN A 71 5.56 21.03 16.93
CA ASN A 71 5.84 22.47 16.89
C ASN A 71 5.89 23.01 15.46
N LEU A 72 4.95 22.56 14.63
CA LEU A 72 4.81 23.09 13.27
C LEU A 72 3.50 23.85 13.15
N GLU A 73 3.36 24.60 12.06
CA GLU A 73 2.14 25.33 11.75
C GLU A 73 1.45 24.57 10.62
N VAL A 74 0.14 24.43 10.68
CA VAL A 74 -0.58 23.76 9.59
C VAL A 74 -0.65 24.73 8.41
N ILE A 75 -0.22 24.27 7.24
CA ILE A 75 -0.36 25.06 6.02
C ILE A 75 -1.63 24.61 5.30
N LYS A 76 -2.63 25.48 5.24
CA LYS A 76 -3.86 25.16 4.52
C LYS A 76 -3.58 25.08 3.03
N GLU A 77 -4.11 24.05 2.39
CA GLU A 77 -3.87 23.82 0.96
C GLU A 77 -5.19 23.44 0.27
N ASP A 78 -5.73 24.36 -0.51
CA ASP A 78 -7.00 24.12 -1.21
C ASP A 78 -6.91 22.98 -2.23
N ARG A 79 -5.71 22.73 -2.77
CA ARG A 79 -5.56 21.71 -3.82
C ARG A 79 -5.76 20.28 -3.34
N ILE A 80 -5.77 20.08 -2.03
CA ILE A 80 -6.02 18.75 -1.45
C ILE A 80 -7.38 18.66 -0.73
N ILE A 81 -8.26 19.62 -1.01
CA ILE A 81 -9.63 19.59 -0.49
C ILE A 81 -10.43 18.44 -1.12
N GLU A 82 -11.49 18.03 -0.44
CA GLU A 82 -12.33 16.93 -0.93
C GLU A 82 -12.98 17.32 -2.25
N ILE A 83 -13.30 16.32 -3.07
CA ILE A 83 -14.04 16.53 -4.31
C ILE A 83 -15.39 17.16 -3.98
N ASP A 84 -15.88 18.00 -4.89
CA ASP A 84 -17.22 18.53 -4.78
C ASP A 84 -18.15 17.46 -5.31
N HIS A 85 -18.79 16.74 -4.38
CA HIS A 85 -19.76 15.71 -4.73
C HIS A 85 -21.08 16.25 -5.29
N GLY A 86 -21.21 17.57 -5.37
CA GLY A 86 -22.39 18.20 -5.96
C GLY A 86 -23.69 17.69 -5.35
N MET A 87 -24.60 17.22 -6.21
CA MET A 87 -25.94 16.78 -5.77
C MET A 87 -25.93 15.64 -4.75
N TRP A 88 -24.87 14.85 -4.73
CA TRP A 88 -24.76 13.75 -3.77
C TRP A 88 -24.49 14.26 -2.36
N SER A 89 -23.96 15.48 -2.24
CA SER A 89 -23.57 16.04 -0.95
C SER A 89 -24.78 16.11 -0.02
N GLY A 90 -24.71 15.40 1.11
CA GLY A 90 -25.82 15.34 2.05
C GLY A 90 -26.66 14.08 1.94
N MET A 91 -26.33 13.22 0.98
CA MET A 91 -27.08 11.98 0.73
C MET A 91 -26.32 10.76 1.25
N LEU A 92 -27.08 9.79 1.78
CA LEU A 92 -26.50 8.52 2.19
C LEU A 92 -26.17 7.69 0.96
N VAL A 93 -25.17 6.84 1.06
CA VAL A 93 -24.80 5.96 -0.05
C VAL A 93 -26.02 5.21 -0.59
N GLU A 94 -26.84 4.65 0.30
CA GLU A 94 -28.01 3.87 -0.13
C GLU A 94 -29.02 4.73 -0.89
N GLU A 95 -29.16 5.99 -0.47
CA GLU A 95 -30.02 6.93 -1.18
C GLU A 95 -29.49 7.23 -2.59
N VAL A 96 -28.18 7.41 -2.71
CA VAL A 96 -27.55 7.64 -4.01
C VAL A 96 -27.76 6.43 -4.93
N MET A 97 -27.54 5.24 -4.40
CA MET A 97 -27.74 3.99 -5.15
C MET A 97 -29.19 3.86 -5.62
N GLU A 98 -30.12 4.25 -4.76
CA GLU A 98 -31.55 4.19 -5.08
C GLU A 98 -31.98 5.24 -6.11
N LYS A 99 -31.55 6.49 -5.91
CA LYS A 99 -32.00 7.62 -6.72
C LYS A 99 -31.20 7.80 -8.01
N TYR A 100 -29.90 7.54 -7.97
CA TYR A 100 -29.02 7.72 -9.14
C TYR A 100 -28.20 6.48 -9.44
N PRO A 101 -28.87 5.36 -9.80
CA PRO A 101 -28.13 4.11 -9.99
C PRO A 101 -27.09 4.16 -11.11
N GLU A 102 -27.39 4.94 -12.16
CA GLU A 102 -26.50 5.06 -13.33
C GLU A 102 -25.23 5.82 -12.97
N ASP A 103 -25.39 6.94 -12.26
CA ASP A 103 -24.25 7.74 -11.83
C ASP A 103 -23.46 7.02 -10.76
N PHE A 104 -24.14 6.27 -9.89
CA PHE A 104 -23.44 5.46 -8.90
C PHE A 104 -22.64 4.36 -9.59
N ARG A 105 -23.24 3.72 -10.58
CA ARG A 105 -22.53 2.69 -11.33
C ARG A 105 -21.29 3.28 -12.03
N ARG A 106 -21.42 4.48 -12.60
CA ARG A 106 -20.27 5.11 -13.25
C ARG A 106 -19.15 5.38 -12.24
N TRP A 107 -19.55 5.85 -11.07
CA TRP A 107 -18.61 6.15 -9.98
C TRP A 107 -17.77 4.93 -9.60
N VAL A 108 -18.43 3.78 -9.45
CA VAL A 108 -17.73 2.56 -9.08
CA VAL A 108 -17.77 2.53 -9.09
C VAL A 108 -16.99 1.94 -10.26
N GLU A 109 -17.60 1.97 -11.46
CA GLU A 109 -17.04 1.24 -12.61
C GLU A 109 -16.05 2.02 -13.48
N GLU A 110 -16.26 3.32 -13.66
CA GLU A 110 -15.36 4.13 -14.50
C GLU A 110 -15.13 5.51 -13.86
N PRO A 111 -14.42 5.52 -12.72
CA PRO A 111 -14.27 6.73 -11.92
C PRO A 111 -13.63 7.89 -12.68
N HIS A 112 -12.63 7.57 -13.49
CA HIS A 112 -11.92 8.56 -14.31
C HIS A 112 -12.81 9.36 -15.26
N LYS A 113 -13.98 8.84 -15.61
CA LYS A 113 -14.95 9.56 -16.46
C LYS A 113 -16.03 10.29 -15.68
N VAL A 114 -15.96 10.29 -14.35
CA VAL A 114 -17.06 10.84 -13.56
C VAL A 114 -16.97 12.36 -13.37
N GLU A 115 -18.12 12.99 -13.39
CA GLU A 115 -18.27 14.37 -12.97
C GLU A 115 -19.56 14.48 -12.21
N PHE A 116 -19.47 14.93 -10.96
CA PHE A 116 -20.67 15.10 -10.14
C PHE A 116 -21.45 16.31 -10.61
N GLN A 117 -22.76 16.12 -10.76
CA GLN A 117 -23.63 17.19 -11.18
C GLN A 117 -23.73 18.24 -10.08
N GLY A 118 -23.52 19.49 -10.45
CA GLY A 118 -23.40 20.58 -9.50
C GLY A 118 -22.08 20.58 -8.75
N GLY A 119 -21.14 19.77 -9.22
CA GLY A 119 -19.87 19.60 -8.52
C GLY A 119 -18.68 19.51 -9.45
N GLU A 120 -17.75 18.65 -9.06
CA GLU A 120 -16.41 18.58 -9.64
C GLU A 120 -16.19 17.22 -10.31
N SER A 121 -15.31 17.20 -11.30
CA SER A 121 -14.89 15.95 -11.94
C SER A 121 -13.75 15.30 -11.18
N LEU A 122 -13.62 13.99 -11.30
CA LEU A 122 -12.46 13.30 -10.76
C LEU A 122 -11.17 13.75 -11.45
N ALA A 123 -11.24 14.03 -12.76
CA ALA A 123 -10.09 14.54 -13.51
C ALA A 123 -9.57 15.84 -12.90
N SER A 124 -10.48 16.72 -12.50
CA SER A 124 -10.14 17.98 -11.83
C SER A 124 -9.32 17.73 -10.56
N VAL A 125 -9.77 16.77 -9.76
CA VAL A 125 -9.09 16.40 -8.52
C VAL A 125 -7.67 15.90 -8.82
N TYR A 126 -7.56 15.00 -9.79
CA TYR A 126 -6.26 14.48 -10.21
C TYR A 126 -5.31 15.61 -10.60
N ASN A 127 -5.82 16.53 -11.43
CA ASN A 127 -5.00 17.66 -11.90
C ASN A 127 -4.46 18.51 -10.77
N ARG A 128 -5.33 18.87 -9.83
CA ARG A 128 -4.93 19.77 -8.76
C ARG A 128 -3.99 19.10 -7.75
N VAL A 129 -4.23 17.83 -7.40
CA VAL A 129 -3.31 17.14 -6.49
C VAL A 129 -1.96 16.83 -7.15
N LYS A 130 -1.96 16.54 -8.46
CA LYS A 130 -0.72 16.31 -9.19
C LYS A 130 0.18 17.54 -9.17
N GLY A 131 -0.40 18.71 -9.44
CA GLY A 131 0.35 19.96 -9.41
C GLY A 131 0.93 20.23 -8.03
N PHE A 132 0.12 19.99 -7.02
CA PHE A 132 0.56 20.09 -5.63
C PHE A 132 1.76 19.20 -5.35
N LEU A 133 1.66 17.92 -5.72
CA LEU A 133 2.72 16.95 -5.48
C LEU A 133 4.01 17.30 -6.21
N GLU A 134 3.89 17.81 -7.44
CA GLU A 134 5.05 18.27 -8.19
C GLU A 134 5.79 19.38 -7.45
N GLU A 135 5.04 20.31 -6.87
CA GLU A 135 5.62 21.40 -6.11
C GLU A 135 6.24 20.93 -4.80
N VAL A 136 5.60 19.94 -4.17
CA VAL A 136 6.15 19.33 -2.95
C VAL A 136 7.50 18.67 -3.24
N ARG A 137 7.56 17.89 -4.32
CA ARG A 137 8.79 17.21 -4.71
C ARG A 137 9.96 18.19 -4.87
N LYS A 138 9.71 19.32 -5.52
CA LYS A 138 10.75 20.33 -5.73
C LYS A 138 11.12 21.08 -4.44
N ARG A 139 10.11 21.52 -3.71
CA ARG A 139 10.31 22.34 -2.51
C ARG A 139 10.90 21.57 -1.34
N HIS A 140 10.51 20.30 -1.19
CA HIS A 140 10.75 19.58 0.06
C HIS A 140 11.66 18.36 -0.11
N TRP A 141 12.54 18.38 -1.09
CA TRP A 141 13.52 17.33 -1.25
C TRP A 141 14.31 17.16 0.06
N ASN A 142 14.57 15.91 0.43
CA ASN A 142 15.25 15.56 1.70
C ASN A 142 14.51 15.96 2.98
N GLN A 143 13.21 16.17 2.90
CA GLN A 143 12.41 16.51 4.08
C GLN A 143 11.26 15.52 4.23
N THR A 144 10.64 15.57 5.41
CA THR A 144 9.47 14.77 5.70
C THR A 144 8.24 15.67 5.71
N VAL A 145 7.30 15.34 4.83
CA VAL A 145 6.14 16.17 4.53
C VAL A 145 4.90 15.38 4.91
N VAL A 146 4.06 15.93 5.77
CA VAL A 146 2.75 15.36 6.03
C VAL A 146 1.69 16.08 5.20
N VAL A 147 0.83 15.29 4.56
CA VAL A 147 -0.27 15.81 3.76
C VAL A 147 -1.57 15.21 4.30
N VAL A 148 -2.43 16.06 4.85
CA VAL A 148 -3.68 15.59 5.47
C VAL A 148 -4.83 15.91 4.51
N SER A 149 -5.50 14.85 4.07
CA SER A 149 -6.47 14.98 2.98
C SER A 149 -7.62 13.99 3.14
N HIS A 150 -8.31 13.71 2.04
CA HIS A 150 -9.56 12.95 2.04
C HIS A 150 -9.47 11.79 1.04
N THR A 151 -10.44 10.87 1.08
CA THR A 151 -10.36 9.68 0.24
C THR A 151 -10.13 10.01 -1.24
N VAL A 152 -10.90 10.92 -1.80
CA VAL A 152 -10.89 11.14 -3.25
C VAL A 152 -9.57 11.75 -3.74
N PRO A 153 -9.15 12.90 -3.17
CA PRO A 153 -7.83 13.42 -3.55
C PRO A 153 -6.68 12.45 -3.25
N MET A 154 -6.73 11.72 -2.14
CA MET A 154 -5.68 10.77 -1.82
C MET A 154 -5.61 9.66 -2.86
N ARG A 155 -6.74 9.11 -3.26
CA ARG A 155 -6.74 8.06 -4.27
C ARG A 155 -6.19 8.58 -5.60
N ALA A 156 -6.59 9.81 -5.95
CA ALA A 156 -6.06 10.49 -7.14
C ALA A 156 -4.54 10.67 -7.02
N MET A 157 -4.09 11.01 -5.82
CA MET A 157 -2.67 11.16 -5.55
C MET A 157 -1.89 9.87 -5.79
N TYR A 158 -2.42 8.72 -5.37
CA TYR A 158 -1.74 7.45 -5.64
C TYR A 158 -1.59 7.19 -7.14
N CYS A 159 -2.64 7.50 -7.91
CA CYS A 159 -2.55 7.36 -9.36
C CYS A 159 -1.43 8.23 -9.91
N ALA A 160 -1.42 9.51 -9.54
CA ALA A 160 -0.39 10.45 -9.98
C ALA A 160 1.03 10.03 -9.55
N LEU A 161 1.17 9.58 -8.30
CA LEU A 161 2.47 9.15 -7.79
C LEU A 161 3.03 7.96 -8.55
N LEU A 162 2.17 7.00 -8.88
CA LEU A 162 2.61 5.83 -9.63
C LEU A 162 2.73 6.10 -11.14
N GLY A 163 2.17 7.23 -11.59
CA GLY A 163 2.20 7.58 -12.99
C GLY A 163 1.31 6.63 -13.77
N VAL A 164 0.16 6.31 -13.17
CA VAL A 164 -0.80 5.38 -13.76
C VAL A 164 -2.12 6.08 -14.00
N ASP A 165 -2.97 5.45 -14.81
CA ASP A 165 -4.24 6.00 -15.21
C ASP A 165 -5.16 6.26 -14.00
N LEU A 166 -6.00 7.28 -14.13
CA LEU A 166 -7.01 7.56 -13.12
C LEU A 166 -8.03 6.40 -12.95
N SER A 167 -8.07 5.48 -13.91
CA SER A 167 -8.89 4.26 -13.77
C SER A 167 -8.45 3.31 -12.64
N LYS A 168 -7.28 3.55 -12.06
CA LYS A 168 -6.80 2.76 -10.91
C LYS A 168 -7.24 3.37 -9.58
N PHE A 169 -8.05 4.43 -9.64
CA PHE A 169 -8.55 5.18 -8.48
C PHE A 169 -8.96 4.33 -7.28
N TRP A 170 -9.79 3.32 -7.52
CA TRP A 170 -10.36 2.52 -6.43
C TRP A 170 -9.40 1.49 -5.85
N SER A 171 -8.19 1.38 -6.37
CA SER A 171 -7.34 0.25 -6.03
C SER A 171 -6.50 0.47 -4.77
N PHE A 172 -6.80 1.52 -4.01
CA PHE A 172 -6.02 1.88 -2.82
C PHE A 172 -6.91 2.08 -1.60
N GLY A 173 -6.58 1.40 -0.50
CA GLY A 173 -7.32 1.56 0.75
C GLY A 173 -7.04 2.92 1.34
N CYS A 174 -8.01 3.46 2.08
CA CYS A 174 -7.90 4.82 2.61
C CYS A 174 -8.86 4.99 3.80
N ASP A 175 -8.40 4.56 4.96
CA ASP A 175 -9.19 4.53 6.19
C ASP A 175 -8.96 5.78 7.03
N ASN A 176 -9.93 6.09 7.89
CA ASN A 176 -9.84 7.25 8.78
C ASN A 176 -8.59 7.21 9.66
N ALA A 177 -7.87 8.33 9.68
CA ALA A 177 -6.67 8.52 10.50
C ALA A 177 -5.56 7.54 10.16
N SER A 178 -5.55 7.06 8.92
CA SER A 178 -4.51 6.18 8.43
C SER A 178 -3.37 7.02 7.92
N TYR A 179 -2.20 6.41 7.74
CA TYR A 179 -1.14 7.06 6.98
C TYR A 179 -0.46 6.11 6.02
N SER A 180 0.01 6.66 4.91
CA SER A 180 0.83 5.94 3.96
C SER A 180 2.19 6.64 3.89
N VAL A 181 3.24 5.85 3.72
CA VAL A 181 4.60 6.37 3.57
C VAL A 181 5.04 6.18 2.13
N ILE A 182 5.30 7.31 1.47
CA ILE A 182 5.79 7.34 0.11
C ILE A 182 7.18 7.94 0.10
N HIS A 183 8.07 7.34 -0.70
CA HIS A 183 9.35 7.96 -0.99
C HIS A 183 9.28 8.55 -2.38
N MET A 184 9.45 9.87 -2.48
CA MET A 184 9.55 10.52 -3.77
C MET A 184 11.03 10.53 -4.13
N GLU A 185 11.41 9.64 -5.03
CA GLU A 185 12.81 9.49 -5.46
C GLU A 185 13.03 10.27 -6.75
N GLU A 186 14.24 10.20 -7.29
CA GLU A 186 14.57 11.01 -8.46
C GLU A 186 13.80 10.56 -9.70
N ARG A 187 13.67 9.25 -9.89
CA ARG A 187 13.10 8.68 -11.12
C ARG A 187 11.69 8.13 -10.94
N ARG A 188 11.21 8.04 -9.70
CA ARG A 188 9.94 7.40 -9.40
C ARG A 188 9.47 7.70 -7.99
N ASN A 189 8.23 7.34 -7.70
CA ASN A 189 7.69 7.37 -6.35
C ASN A 189 7.41 5.95 -5.89
N VAL A 190 7.70 5.69 -4.61
CA VAL A 190 7.58 4.37 -4.03
C VAL A 190 6.60 4.42 -2.86
N ILE A 191 5.58 3.58 -2.91
CA ILE A 191 4.66 3.44 -1.80
C ILE A 191 5.24 2.41 -0.85
N LEU A 192 5.93 2.87 0.18
CA LEU A 192 6.58 1.98 1.14
C LEU A 192 5.56 1.30 2.04
N LYS A 193 4.59 2.09 2.51
CA LYS A 193 3.52 1.62 3.38
C LYS A 193 2.22 2.26 2.90
N LEU A 194 1.15 1.48 2.83
CA LEU A 194 -0.16 2.02 2.47
C LEU A 194 -1.23 1.73 3.51
N ASN A 195 -1.90 2.79 3.94
CA ASN A 195 -3.11 2.73 4.74
C ASN A 195 -2.88 2.07 6.11
N ILE A 196 -1.81 2.51 6.77
CA ILE A 196 -1.45 2.00 8.10
C ILE A 196 -2.43 2.55 9.14
N THR A 197 -3.01 1.65 9.95
CA THR A 197 -3.94 2.03 11.01
C THR A 197 -3.61 1.39 12.37
N CYS A 198 -2.43 0.77 12.47
CA CYS A 198 -2.06 0.02 13.67
CA CYS A 198 -2.03 0.01 13.67
C CYS A 198 -2.06 0.84 14.95
N HIS A 199 -1.72 2.13 14.83
CA HIS A 199 -1.71 3.07 15.97
C HIS A 199 -3.09 3.32 16.60
N LEU A 200 -4.16 3.01 15.85
CA LEU A 200 -5.51 3.26 16.31
C LEU A 200 -6.04 2.18 17.25
N GLY A 201 -5.49 0.96 17.14
CA GLY A 201 -5.90 -0.15 17.99
C GLY A 201 -7.37 -0.44 17.86
N GLU A 202 -8.08 -0.41 19.00
CA GLU A 202 -9.53 -0.62 19.03
C GLU A 202 -10.34 0.50 18.38
N PHE A 203 -9.71 1.66 18.13
CA PHE A 203 -10.39 2.80 17.48
C PHE A 203 -10.29 2.77 15.95
N TYR A 204 -9.77 1.67 15.40
CA TYR A 204 -9.69 1.48 13.95
C TYR A 204 -11.04 1.03 13.40
N VAL A 205 -11.55 1.76 12.41
CA VAL A 205 -12.76 1.37 11.69
C VAL A 205 -12.47 1.35 10.19
N GLU A 206 -12.95 0.33 9.50
CA GLU A 206 -12.77 0.21 8.05
C GLU A 206 -13.75 1.15 7.34
N ALA A 207 -15.02 0.73 7.23
CA ALA A 207 -16.06 1.51 6.57
C ALA A 207 -15.60 2.16 5.26
N MET B 1 -15.55 -11.76 -3.15
CA MET B 1 -14.14 -11.34 -3.41
C MET B 1 -13.18 -12.35 -2.82
N VAL B 2 -11.93 -12.31 -3.28
CA VAL B 2 -10.86 -13.01 -2.60
C VAL B 2 -10.21 -12.02 -1.63
N LYS B 3 -10.03 -12.44 -0.39
CA LYS B 3 -9.18 -11.71 0.53
C LYS B 3 -7.80 -12.31 0.41
N LEU B 4 -6.91 -11.60 -0.29
CA LEU B 4 -5.57 -12.09 -0.59
C LEU B 4 -4.58 -11.45 0.37
N ILE B 5 -3.88 -12.26 1.16
CA ILE B 5 -2.91 -11.75 2.12
C ILE B 5 -1.52 -12.13 1.63
N LEU B 6 -0.77 -11.13 1.19
CA LEU B 6 0.53 -11.35 0.56
C LEU B 6 1.62 -11.10 1.58
N VAL B 7 2.42 -12.13 1.83
CA VAL B 7 3.40 -12.12 2.91
C VAL B 7 4.80 -12.32 2.36
N ARG B 8 5.74 -11.47 2.75
CA ARG B 8 7.15 -11.75 2.50
C ARG B 8 7.72 -12.60 3.63
N ALA B 9 8.55 -13.58 3.26
CA ALA B 9 9.32 -14.37 4.21
C ALA B 9 9.96 -13.50 5.29
N ALA B 10 10.00 -14.03 6.50
CA ALA B 10 10.79 -13.43 7.57
C ALA B 10 12.27 -13.39 7.16
N GLU B 11 13.05 -12.65 7.93
CA GLU B 11 14.46 -12.46 7.65
C GLU B 11 15.24 -13.77 7.54
N SER B 12 16.02 -13.89 6.47
CA SER B 12 16.92 -15.01 6.26
C SER B 12 18.29 -14.65 6.79
N GLU B 13 19.18 -15.64 6.86
CA GLU B 13 20.55 -15.41 7.32
C GLU B 13 21.30 -14.47 6.38
N TRP B 14 20.87 -14.43 5.11
CA TRP B 14 21.52 -13.59 4.10
C TRP B 14 20.98 -12.17 3.97
N ASN B 15 19.72 -11.94 4.39
CA ASN B 15 19.13 -10.60 4.26
C ASN B 15 19.91 -9.46 4.96
N PRO B 16 20.33 -9.66 6.23
CA PRO B 16 20.94 -8.52 6.93
C PRO B 16 22.27 -8.04 6.35
N VAL B 17 23.04 -8.95 5.74
CA VAL B 17 24.28 -8.55 5.08
C VAL B 17 24.05 -8.17 3.63
N GLY B 18 22.82 -8.34 3.14
CA GLY B 18 22.44 -7.97 1.77
C GLY B 18 23.05 -8.86 0.71
N ARG B 19 23.08 -10.16 0.96
CA ARG B 19 23.59 -11.13 -0.02
C ARG B 19 22.42 -11.66 -0.86
N TYR B 20 22.46 -11.42 -2.18
CA TYR B 20 21.42 -11.96 -3.06
C TYR B 20 21.31 -13.48 -2.95
N GLN B 21 20.08 -13.96 -2.80
CA GLN B 21 19.80 -15.39 -2.65
C GLN B 21 19.32 -16.01 -3.95
N GLY B 22 18.32 -15.38 -4.57
CA GLY B 22 17.64 -15.97 -5.72
C GLY B 22 17.06 -17.29 -5.27
N LEU B 23 17.40 -18.36 -5.99
CA LEU B 23 16.90 -19.70 -5.71
C LEU B 23 17.67 -20.41 -4.60
N LEU B 24 18.79 -19.81 -4.17
CA LEU B 24 19.58 -20.39 -3.10
C LEU B 24 18.80 -20.28 -1.80
N ASP B 25 19.17 -21.10 -0.83
CA ASP B 25 18.22 -21.54 0.20
C ASP B 25 18.73 -21.50 1.65
N PRO B 26 19.13 -20.30 2.11
CA PRO B 26 19.53 -20.20 3.51
C PRO B 26 18.36 -20.28 4.48
N ASP B 27 18.68 -20.64 5.71
CA ASP B 27 17.73 -20.70 6.80
C ASP B 27 17.26 -19.29 7.16
N LEU B 28 16.16 -19.22 7.91
CA LEU B 28 15.79 -17.99 8.59
C LEU B 28 16.88 -17.61 9.58
N SER B 29 17.10 -16.31 9.77
CA SER B 29 17.95 -15.80 10.84
C SER B 29 17.23 -16.01 12.17
N GLU B 30 17.94 -15.81 13.27
CA GLU B 30 17.30 -15.91 14.57
C GLU B 30 16.21 -14.84 14.71
N ARG B 31 16.51 -13.63 14.24
CA ARG B 31 15.51 -12.56 14.22
C ARG B 31 14.31 -12.98 13.37
N GLY B 32 14.57 -13.53 12.20
CA GLY B 32 13.52 -14.02 11.32
C GLY B 32 12.60 -15.04 11.95
N LYS B 33 13.17 -15.97 12.70
CA LYS B 33 12.36 -16.99 13.38
C LYS B 33 11.39 -16.34 14.37
N LYS B 34 11.84 -15.29 15.06
CA LYS B 34 10.97 -14.50 15.94
C LYS B 34 9.93 -13.71 15.15
N GLN B 35 10.34 -13.09 14.05
CA GLN B 35 9.40 -12.36 13.20
C GLN B 35 8.27 -13.24 12.72
N ALA B 36 8.59 -14.47 12.33
CA ALA B 36 7.58 -15.40 11.81
C ALA B 36 6.54 -15.76 12.87
N LYS B 37 6.99 -15.94 14.10
CA LYS B 37 6.06 -16.23 15.19
C LYS B 37 5.13 -15.04 15.44
N LEU B 38 5.67 -13.83 15.37
CA LEU B 38 4.88 -12.63 15.61
C LEU B 38 3.85 -12.43 14.52
N LEU B 39 4.26 -12.65 13.27
CA LEU B 39 3.36 -12.57 12.12
C LEU B 39 2.25 -13.63 12.22
N ALA B 40 2.62 -14.85 12.58
CA ALA B 40 1.62 -15.92 12.77
C ALA B 40 0.59 -15.54 13.82
N GLN B 41 1.04 -14.93 14.92
CA GLN B 41 0.11 -14.43 15.94
C GLN B 41 -0.82 -13.37 15.37
N GLU B 42 -0.24 -12.43 14.62
CA GLU B 42 -1.00 -11.36 13.98
C GLU B 42 -2.07 -11.90 13.03
N LEU B 43 -1.73 -12.89 12.20
CA LEU B 43 -2.68 -13.41 11.21
C LEU B 43 -3.67 -14.40 11.81
N SER B 44 -3.41 -14.87 13.04
CA SER B 44 -4.31 -15.79 13.73
C SER B 44 -5.69 -15.18 13.98
N ARG B 45 -5.74 -13.85 14.03
CA ARG B 45 -6.99 -13.09 14.19
C ARG B 45 -7.97 -13.31 13.02
N GLU B 46 -7.42 -13.61 11.85
CA GLU B 46 -8.19 -13.75 10.62
C GLU B 46 -8.61 -15.19 10.38
N HIS B 47 -9.80 -15.39 9.83
CA HIS B 47 -10.15 -16.69 9.26
C HIS B 47 -9.32 -16.87 7.99
N LEU B 48 -8.58 -17.97 7.92
CA LEU B 48 -7.79 -18.31 6.74
C LEU B 48 -8.34 -19.59 6.13
N ASP B 49 -8.39 -19.65 4.81
CA ASP B 49 -8.87 -20.82 4.10
C ASP B 49 -7.74 -21.67 3.52
N VAL B 50 -6.69 -21.02 3.03
CA VAL B 50 -5.60 -21.73 2.38
C VAL B 50 -4.30 -20.93 2.50
N ILE B 51 -3.19 -21.63 2.62
CA ILE B 51 -1.87 -21.01 2.66
C ILE B 51 -0.98 -21.61 1.58
N TYR B 52 -0.53 -20.75 0.67
CA TYR B 52 0.45 -21.11 -0.36
C TYR B 52 1.80 -20.53 0.02
N SER B 53 2.86 -21.27 -0.28
CA SER B 53 4.22 -20.79 0.01
C SER B 53 5.21 -21.22 -1.06
N SER B 54 6.13 -20.32 -1.40
CA SER B 54 7.32 -20.73 -2.13
C SER B 54 7.99 -21.86 -1.32
N PRO B 55 8.57 -22.85 -2.02
CA PRO B 55 9.17 -24.01 -1.34
C PRO B 55 10.53 -23.76 -0.67
N LEU B 56 11.12 -22.58 -0.89
CA LEU B 56 12.39 -22.25 -0.25
C LEU B 56 12.19 -22.13 1.25
N LYS B 57 13.25 -22.40 2.01
CA LYS B 57 13.16 -22.46 3.46
C LYS B 57 12.60 -21.19 4.09
N ARG B 58 13.13 -20.05 3.69
CA ARG B 58 12.75 -18.78 4.32
C ARG B 58 11.26 -18.51 4.25
N THR B 59 10.67 -18.74 3.07
CA THR B 59 9.23 -18.65 2.91
C THR B 59 8.47 -19.80 3.60
N TYR B 60 8.89 -21.04 3.34
CA TYR B 60 8.20 -22.21 3.87
C TYR B 60 8.12 -22.18 5.40
N LEU B 61 9.23 -21.85 6.05
CA LEU B 61 9.24 -21.80 7.52
C LEU B 61 8.33 -20.69 8.07
N THR B 62 8.26 -19.56 7.35
CA THR B 62 7.35 -18.48 7.69
C THR B 62 5.89 -18.97 7.55
N ALA B 63 5.61 -19.60 6.42
CA ALA B 63 4.29 -20.18 6.17
C ALA B 63 3.89 -21.22 7.22
N LEU B 64 4.86 -22.03 7.63
CA LEU B 64 4.62 -23.09 8.60
C LEU B 64 4.20 -22.55 9.97
N GLU B 65 4.75 -21.41 10.40
CA GLU B 65 4.34 -20.80 11.66
C GLU B 65 2.91 -20.29 11.58
N ILE B 66 2.54 -19.71 10.44
CA ILE B 66 1.18 -19.25 10.23
C ILE B 66 0.21 -20.44 10.23
N ALA B 67 0.60 -21.51 9.55
CA ALA B 67 -0.22 -22.71 9.46
C ALA B 67 -0.41 -23.38 10.83
N GLU B 68 0.66 -23.45 11.60
CA GLU B 68 0.62 -24.10 12.92
C GLU B 68 -0.31 -23.36 13.86
N ALA B 69 -0.23 -22.03 13.85
CA ALA B 69 -1.11 -21.17 14.64
C ALA B 69 -2.59 -21.36 14.32
N LYS B 70 -2.90 -21.68 13.05
CA LYS B 70 -4.27 -21.81 12.58
C LYS B 70 -4.69 -23.25 12.26
N ASN B 71 -3.79 -24.22 12.50
CA ASN B 71 -4.05 -25.63 12.20
C ASN B 71 -4.44 -25.89 10.76
N LEU B 72 -3.71 -25.25 9.87
CA LEU B 72 -3.84 -25.47 8.45
C LEU B 72 -2.59 -26.15 7.91
N GLU B 73 -2.65 -26.48 6.61
CA GLU B 73 -1.54 -27.08 5.90
C GLU B 73 -0.91 -26.00 5.04
N VAL B 74 0.35 -26.19 4.66
CA VAL B 74 1.00 -25.31 3.70
C VAL B 74 1.03 -26.02 2.35
N ILE B 75 0.59 -25.34 1.30
CA ILE B 75 0.65 -25.87 -0.04
C ILE B 75 1.84 -25.21 -0.74
N LYS B 76 2.82 -26.01 -1.14
CA LYS B 76 3.98 -25.47 -1.84
C LYS B 76 3.55 -25.05 -3.24
N GLU B 77 4.14 -23.96 -3.72
CA GLU B 77 3.82 -23.43 -5.05
C GLU B 77 5.08 -22.88 -5.71
N ASP B 78 5.57 -23.55 -6.74
CA ASP B 78 6.80 -23.11 -7.43
C ASP B 78 6.68 -21.74 -8.14
N ARG B 79 5.48 -21.37 -8.56
CA ARG B 79 5.31 -20.15 -9.34
C ARG B 79 5.50 -18.86 -8.54
N ILE B 80 5.54 -18.96 -7.20
CA ILE B 80 5.82 -17.80 -6.37
C ILE B 80 7.21 -17.85 -5.74
N ILE B 81 8.07 -18.71 -6.27
CA ILE B 81 9.46 -18.79 -5.87
C ILE B 81 10.19 -17.52 -6.30
N GLU B 82 11.31 -17.24 -5.63
CA GLU B 82 12.12 -16.06 -5.92
C GLU B 82 12.66 -16.12 -7.35
N ILE B 83 12.90 -14.95 -7.93
CA ILE B 83 13.53 -14.86 -9.24
C ILE B 83 14.88 -15.58 -9.18
N ASP B 84 15.28 -16.19 -10.29
CA ASP B 84 16.62 -16.72 -10.42
C ASP B 84 17.54 -15.53 -10.73
N HIS B 85 18.29 -15.09 -9.71
CA HIS B 85 19.24 -13.97 -9.87
C HIS B 85 20.52 -14.34 -10.61
N GLY B 86 20.69 -15.61 -10.99
CA GLY B 86 21.85 -16.06 -11.75
C GLY B 86 23.16 -15.67 -11.08
N MET B 87 24.04 -15.02 -11.82
CA MET B 87 25.38 -14.71 -11.30
C MET B 87 25.38 -13.78 -10.07
N TRP B 88 24.31 -13.03 -9.85
CA TRP B 88 24.20 -12.19 -8.64
C TRP B 88 24.03 -13.02 -7.37
N SER B 89 23.56 -14.26 -7.51
CA SER B 89 23.27 -15.11 -6.35
C SER B 89 24.56 -15.38 -5.59
N GLY B 90 24.56 -15.09 -4.28
CA GLY B 90 25.75 -15.21 -3.45
C GLY B 90 26.56 -13.94 -3.30
N MET B 91 26.24 -12.93 -4.11
CA MET B 91 26.95 -11.66 -4.10
C MET B 91 26.29 -10.64 -3.16
N LEU B 92 27.12 -9.85 -2.48
CA LEU B 92 26.63 -8.72 -1.71
C LEU B 92 26.22 -7.62 -2.68
N VAL B 93 25.28 -6.78 -2.26
CA VAL B 93 24.86 -5.65 -3.08
C VAL B 93 26.06 -4.79 -3.50
N GLU B 94 26.95 -4.51 -2.56
CA GLU B 94 28.17 -3.74 -2.85
C GLU B 94 29.06 -4.43 -3.90
N GLU B 95 29.15 -5.76 -3.84
CA GLU B 95 29.91 -6.52 -4.85
C GLU B 95 29.27 -6.41 -6.25
N VAL B 96 27.95 -6.49 -6.31
CA VAL B 96 27.22 -6.36 -7.57
C VAL B 96 27.45 -4.96 -8.15
N MET B 97 27.34 -3.95 -7.30
CA MET B 97 27.52 -2.55 -7.73
C MET B 97 28.91 -2.29 -8.31
N GLU B 98 29.92 -2.95 -7.74
CA GLU B 98 31.31 -2.79 -8.17
C GLU B 98 31.65 -3.63 -9.40
N LYS B 99 31.16 -4.86 -9.45
CA LYS B 99 31.49 -5.79 -10.53
C LYS B 99 30.58 -5.68 -11.75
N TYR B 100 29.30 -5.38 -11.50
CA TYR B 100 28.32 -5.26 -12.59
C TYR B 100 27.56 -3.94 -12.49
N PRO B 101 28.27 -2.80 -12.48
CA PRO B 101 27.60 -1.51 -12.24
C PRO B 101 26.49 -1.22 -13.25
N GLU B 102 26.72 -1.56 -14.50
CA GLU B 102 25.73 -1.29 -15.54
C GLU B 102 24.49 -2.17 -15.44
N ASP B 103 24.68 -3.44 -15.08
CA ASP B 103 23.56 -4.35 -14.86
C ASP B 103 22.77 -3.91 -13.63
N PHE B 104 23.49 -3.46 -12.60
CA PHE B 104 22.83 -2.92 -11.42
C PHE B 104 21.99 -1.69 -11.76
N ARG B 105 22.53 -0.80 -12.60
CA ARG B 105 21.80 0.38 -13.03
C ARG B 105 20.51 0.01 -13.79
N ARG B 106 20.60 -0.99 -14.66
CA ARG B 106 19.42 -1.45 -15.38
C ARG B 106 18.36 -1.96 -14.40
N TRP B 107 18.80 -2.75 -13.41
CA TRP B 107 17.90 -3.31 -12.41
C TRP B 107 17.11 -2.22 -11.68
N VAL B 108 17.80 -1.18 -11.23
CA VAL B 108 17.12 -0.12 -10.48
CA VAL B 108 17.18 -0.07 -10.49
C VAL B 108 16.28 0.79 -11.38
N GLU B 109 16.78 1.10 -12.58
CA GLU B 109 16.13 2.08 -13.45
C GLU B 109 15.07 1.51 -14.37
N GLU B 110 15.33 0.32 -14.92
CA GLU B 110 14.41 -0.33 -15.87
C GLU B 110 14.30 -1.82 -15.55
N PRO B 111 13.74 -2.14 -14.38
CA PRO B 111 13.69 -3.55 -13.95
C PRO B 111 12.95 -4.46 -14.93
N HIS B 112 11.89 -3.94 -15.55
CA HIS B 112 11.12 -4.71 -16.55
C HIS B 112 11.95 -5.24 -17.71
N LYS B 113 13.12 -4.66 -17.97
CA LYS B 113 13.96 -5.05 -19.10
C LYS B 113 15.02 -6.10 -18.75
N VAL B 114 15.07 -6.49 -17.48
CA VAL B 114 16.17 -7.31 -16.95
CA VAL B 114 16.18 -7.30 -16.99
C VAL B 114 16.01 -8.80 -17.25
N GLU B 115 17.13 -9.43 -17.57
CA GLU B 115 17.27 -10.88 -17.55
C GLU B 115 18.62 -11.14 -16.91
N PHE B 116 18.60 -11.79 -15.76
CA PHE B 116 19.83 -12.09 -15.05
C PHE B 116 20.62 -13.13 -15.81
N GLN B 117 21.92 -12.89 -15.91
CA GLN B 117 22.84 -13.78 -16.60
C GLN B 117 22.89 -15.10 -15.85
N GLY B 118 22.57 -16.19 -16.55
CA GLY B 118 22.47 -17.51 -15.93
C GLY B 118 21.16 -17.71 -15.18
N GLY B 119 20.28 -16.71 -15.23
CA GLY B 119 19.04 -16.74 -14.47
C GLY B 119 17.82 -16.38 -15.28
N GLU B 120 16.87 -15.71 -14.61
CA GLU B 120 15.52 -15.48 -15.10
C GLU B 120 15.26 -14.02 -15.44
N SER B 121 14.36 -13.76 -16.39
CA SER B 121 13.91 -12.40 -16.68
C SER B 121 12.82 -11.98 -15.70
N LEU B 122 12.73 -10.68 -15.42
CA LEU B 122 11.61 -10.19 -14.63
C LEU B 122 10.28 -10.43 -15.34
N ALA B 123 10.26 -10.33 -16.67
CA ALA B 123 9.06 -10.66 -17.45
C ALA B 123 8.56 -12.07 -17.13
N SER B 124 9.49 -13.02 -17.02
CA SER B 124 9.14 -14.41 -16.72
C SER B 124 8.50 -14.52 -15.34
N VAL B 125 9.05 -13.82 -14.35
CA VAL B 125 8.49 -13.80 -13.02
C VAL B 125 7.06 -13.26 -13.06
N TYR B 126 6.87 -12.15 -13.76
CA TYR B 126 5.55 -11.55 -13.93
C TYR B 126 4.56 -12.56 -14.50
N ASN B 127 4.98 -13.27 -15.54
CA ASN B 127 4.10 -14.22 -16.23
C ASN B 127 3.63 -15.33 -15.29
N ARG B 128 4.57 -15.90 -14.52
CA ARG B 128 4.23 -17.03 -13.66
C ARG B 128 3.38 -16.63 -12.45
N VAL B 129 3.69 -15.49 -11.83
CA VAL B 129 2.88 -15.05 -10.68
C VAL B 129 1.49 -14.57 -11.12
N LYS B 130 1.39 -14.00 -12.32
CA LYS B 130 0.09 -13.56 -12.82
C LYS B 130 -0.80 -14.76 -13.06
N GLY B 131 -0.25 -15.80 -13.70
CA GLY B 131 -0.98 -17.05 -13.92
C GLY B 131 -1.45 -17.67 -12.62
N PHE B 132 -0.58 -17.68 -11.63
CA PHE B 132 -0.93 -18.18 -10.31
C PHE B 132 -2.10 -17.38 -9.72
N LEU B 133 -1.99 -16.05 -9.77
CA LEU B 133 -3.05 -15.20 -9.22
C LEU B 133 -4.40 -15.37 -9.94
N GLU B 134 -4.36 -15.57 -11.26
CA GLU B 134 -5.59 -15.79 -12.03
C GLU B 134 -6.28 -17.09 -11.59
N GLU B 135 -5.49 -18.14 -11.38
CA GLU B 135 -6.03 -19.42 -10.94
C GLU B 135 -6.55 -19.34 -9.50
N VAL B 136 -5.88 -18.54 -8.67
CA VAL B 136 -6.31 -18.32 -7.29
C VAL B 136 -7.66 -17.60 -7.23
N ARG B 137 -7.80 -16.57 -8.05
CA ARG B 137 -9.05 -15.80 -8.16
C ARG B 137 -10.23 -16.69 -8.49
N LYS B 138 -10.03 -17.60 -9.43
CA LYS B 138 -11.07 -18.55 -9.82
C LYS B 138 -11.31 -19.59 -8.73
N ARG B 139 -10.24 -20.23 -8.29
CA ARG B 139 -10.36 -21.35 -7.35
C ARG B 139 -10.82 -20.91 -5.96
N HIS B 140 -10.35 -19.75 -5.52
CA HIS B 140 -10.55 -19.33 -4.13
C HIS B 140 -11.43 -18.10 -3.99
N TRP B 141 -12.33 -17.89 -4.95
CA TRP B 141 -13.32 -16.82 -4.84
C TRP B 141 -14.06 -16.95 -3.51
N ASN B 142 -14.29 -15.82 -2.85
CA ASN B 142 -14.97 -15.76 -1.54
C ASN B 142 -14.23 -16.46 -0.41
N GLN B 143 -12.92 -16.60 -0.54
CA GLN B 143 -12.11 -17.17 0.52
C GLN B 143 -10.96 -16.25 0.87
N THR B 144 -10.30 -16.57 1.98
CA THR B 144 -9.11 -15.84 2.43
C THR B 144 -7.87 -16.68 2.16
N VAL B 145 -6.96 -16.14 1.36
CA VAL B 145 -5.79 -16.86 0.85
C VAL B 145 -4.52 -16.16 1.29
N VAL B 146 -3.62 -16.89 1.95
CA VAL B 146 -2.31 -16.38 2.30
C VAL B 146 -1.31 -16.91 1.27
N VAL B 147 -0.47 -16.01 0.78
CA VAL B 147 0.56 -16.33 -0.20
C VAL B 147 1.88 -15.83 0.36
N VAL B 148 2.79 -16.76 0.67
CA VAL B 148 4.08 -16.45 1.28
C VAL B 148 5.14 -16.52 0.21
N SER B 149 5.77 -15.37 -0.06
CA SER B 149 6.65 -15.25 -1.20
C SER B 149 7.84 -14.32 -0.89
N HIS B 150 8.46 -13.80 -1.94
CA HIS B 150 9.71 -13.04 -1.84
C HIS B 150 9.56 -11.69 -2.55
N THR B 151 10.53 -10.80 -2.39
CA THR B 151 10.44 -9.43 -2.93
C THR B 151 10.04 -9.35 -4.40
N VAL B 152 10.76 -10.08 -5.25
CA VAL B 152 10.61 -9.90 -6.70
C VAL B 152 9.27 -10.44 -7.22
N PRO B 153 8.92 -11.69 -6.87
CA PRO B 153 7.58 -12.11 -7.28
C PRO B 153 6.45 -11.27 -6.67
N MET B 154 6.62 -10.82 -5.43
CA MET B 154 5.60 -9.97 -4.79
C MET B 154 5.42 -8.63 -5.50
N ARG B 155 6.53 -7.97 -5.82
CA ARG B 155 6.45 -6.70 -6.53
C ARG B 155 5.84 -6.88 -7.93
N ALA B 156 6.19 -7.97 -8.60
CA ALA B 156 5.54 -8.32 -9.86
C ALA B 156 4.06 -8.58 -9.68
N MET B 157 3.69 -9.24 -8.58
CA MET B 157 2.28 -9.47 -8.28
C MET B 157 1.50 -8.17 -8.10
N TYR B 158 2.09 -7.15 -7.47
CA TYR B 158 1.39 -5.87 -7.31
C TYR B 158 1.14 -5.21 -8.68
N CYS B 159 2.12 -5.33 -9.58
CA CYS B 159 1.93 -4.83 -10.95
C CYS B 159 0.78 -5.56 -11.64
N ALA B 160 0.72 -6.89 -11.51
CA ALA B 160 -0.33 -7.67 -12.16
C ALA B 160 -1.70 -7.35 -11.55
N LEU B 161 -1.75 -7.27 -10.23
CA LEU B 161 -3.00 -7.00 -9.52
C LEU B 161 -3.59 -5.65 -9.92
N LEU B 162 -2.75 -4.63 -10.03
CA LEU B 162 -3.21 -3.28 -10.36
C LEU B 162 -3.40 -3.10 -11.86
N GLY B 163 -2.85 -4.01 -12.65
CA GLY B 163 -2.96 -3.92 -14.11
C GLY B 163 -2.11 -2.77 -14.61
N VAL B 164 -0.94 -2.61 -14.01
CA VAL B 164 0.01 -1.57 -14.39
C VAL B 164 1.26 -2.19 -15.00
N ASP B 165 2.02 -1.37 -15.70
CA ASP B 165 3.19 -1.85 -16.41
C ASP B 165 4.20 -2.43 -15.42
N LEU B 166 4.91 -3.47 -15.86
CA LEU B 166 5.94 -4.08 -15.03
C LEU B 166 7.05 -3.07 -14.66
N SER B 167 7.16 -1.99 -15.43
CA SER B 167 8.08 -0.89 -15.11
C SER B 167 7.82 -0.23 -13.75
N LYS B 168 6.64 -0.46 -13.16
CA LYS B 168 6.30 0.08 -11.83
C LYS B 168 6.79 -0.81 -10.68
N PHE B 169 7.56 -1.84 -11.03
CA PHE B 169 8.05 -2.88 -10.10
C PHE B 169 8.53 -2.36 -8.74
N TRP B 170 9.37 -1.33 -8.74
CA TRP B 170 9.96 -0.82 -7.50
C TRP B 170 9.03 0.05 -6.63
N SER B 171 7.81 0.32 -7.08
CA SER B 171 6.97 1.30 -6.40
C SER B 171 6.22 0.73 -5.18
N PHE B 172 6.59 -0.49 -4.76
CA PHE B 172 5.93 -1.16 -3.64
C PHE B 172 6.93 -1.62 -2.58
N GLY B 173 6.67 -1.23 -1.32
CA GLY B 173 7.48 -1.69 -0.20
C GLY B 173 7.26 -3.18 0.07
N CYS B 174 8.31 -3.85 0.54
CA CYS B 174 8.25 -5.29 0.77
C CYS B 174 9.26 -5.74 1.82
N ASP B 175 8.91 -5.53 3.09
CA ASP B 175 9.79 -5.82 4.21
C ASP B 175 9.61 -7.25 4.73
N ASN B 176 10.63 -7.76 5.42
CA ASN B 176 10.59 -9.12 5.99
C ASN B 176 9.39 -9.29 6.94
N ALA B 177 8.68 -10.41 6.78
CA ALA B 177 7.56 -10.76 7.64
C ALA B 177 6.44 -9.70 7.65
N SER B 178 6.32 -8.98 6.54
CA SER B 178 5.25 -8.02 6.35
C SER B 178 4.06 -8.74 5.73
N TYR B 179 2.91 -8.10 5.76
CA TYR B 179 1.79 -8.56 4.95
C TYR B 179 1.06 -7.40 4.29
N SER B 180 0.48 -7.69 3.13
CA SER B 180 -0.41 -6.78 2.44
C SER B 180 -1.76 -7.47 2.31
N VAL B 181 -2.83 -6.67 2.37
CA VAL B 181 -4.19 -7.16 2.20
C VAL B 181 -4.76 -6.64 0.88
N ILE B 182 -5.09 -7.56 -0.02
CA ILE B 182 -5.69 -7.23 -1.30
C ILE B 182 -7.09 -7.82 -1.35
N HIS B 183 -8.04 -7.07 -1.90
CA HIS B 183 -9.35 -7.61 -2.20
C HIS B 183 -9.40 -7.80 -3.70
N MET B 184 -9.56 -9.05 -4.13
CA MET B 184 -9.76 -9.33 -5.54
C MET B 184 -11.25 -9.26 -5.79
N GLU B 185 -11.68 -8.20 -6.46
CA GLU B 185 -13.10 -7.95 -6.72
C GLU B 185 -13.45 -8.35 -8.15
N GLU B 186 -14.73 -8.22 -8.49
CA GLU B 186 -15.22 -8.59 -9.82
C GLU B 186 -14.51 -7.85 -10.96
N ARG B 187 -14.32 -6.55 -10.80
CA ARG B 187 -13.85 -5.68 -11.88
C ARG B 187 -12.44 -5.14 -11.68
N ARG B 188 -11.84 -5.44 -10.52
CA ARG B 188 -10.53 -4.90 -10.19
C ARG B 188 -9.97 -5.56 -8.94
N ASN B 189 -8.71 -5.27 -8.65
CA ASN B 189 -8.09 -5.65 -7.39
C ASN B 189 -7.77 -4.39 -6.61
N VAL B 190 -7.91 -4.48 -5.29
CA VAL B 190 -7.75 -3.34 -4.42
C VAL B 190 -6.70 -3.68 -3.37
N ILE B 191 -5.68 -2.84 -3.27
CA ILE B 191 -4.66 -2.98 -2.22
C ILE B 191 -5.18 -2.18 -1.03
N LEU B 192 -5.76 -2.89 -0.06
CA LEU B 192 -6.31 -2.27 1.14
C LEU B 192 -5.21 -1.84 2.10
N LYS B 193 -4.23 -2.71 2.29
CA LYS B 193 -3.08 -2.44 3.18
C LYS B 193 -1.83 -2.90 2.45
N LEU B 194 -0.77 -2.12 2.47
CA LEU B 194 0.50 -2.55 1.87
C LEU B 194 1.65 -2.53 2.87
N ASN B 195 2.33 -3.66 2.95
CA ASN B 195 3.61 -3.78 3.66
C ASN B 195 3.50 -3.49 5.15
N ILE B 196 2.51 -4.10 5.80
CA ILE B 196 2.28 -3.92 7.23
C ILE B 196 3.33 -4.67 8.04
N THR B 197 3.98 -3.97 8.98
CA THR B 197 5.00 -4.60 9.83
C THR B 197 4.82 -4.30 11.33
N CYS B 198 3.67 -3.73 11.69
CA CYS B 198 3.43 -3.26 13.05
CA CYS B 198 3.39 -3.26 13.06
C CYS B 198 3.59 -4.33 14.13
N HIS B 199 3.15 -5.54 13.80
CA HIS B 199 3.25 -6.74 14.67
C HIS B 199 4.69 -7.09 15.04
N LEU B 200 5.65 -6.60 14.26
CA LEU B 200 7.06 -6.89 14.53
C LEU B 200 7.64 -5.99 15.62
N GLY B 201 7.02 -4.84 15.88
CA GLY B 201 7.52 -3.88 16.84
C GLY B 201 9.03 -3.68 16.71
N GLU B 202 9.75 -4.05 17.77
CA GLU B 202 11.22 -3.96 17.81
C GLU B 202 11.95 -4.84 16.80
N PHE B 203 11.29 -5.91 16.32
CA PHE B 203 11.89 -6.84 15.37
C PHE B 203 11.61 -6.43 13.94
#